data_2I0Y
#
_entry.id   2I0Y
#
_cell.length_a   81.070
_cell.length_b   81.070
_cell.length_c   144.670
_cell.angle_alpha   90.00
_cell.angle_beta   90.00
_cell.angle_gamma   120.00
#
_symmetry.space_group_name_H-M   'H 3'
#
loop_
_entity.id
_entity.type
_entity.pdbx_description
1 polymer 'cFMS Tyrosine Kinase'
2 non-polymer '5-CYANO-FURAN-2-CARBOXYLIC ACID [5-HYDROXYMETHYL-2-(4-METHYL-PIPERIDIN-1-YL)-PHENYL]-AMIDE'
3 water water
#
_entity_poly.entity_id   1
_entity_poly.type   'polypeptide(L)'
_entity_poly.pdbx_seq_one_letter_code
;GVDYKYKQKPKYQVRWKIIESYEGNSYTFIDPTQLPYNEKWEFPRNNLQFGKTLGAGAFGKVVEATAFGLGKEDAVLKVA
VKMLKSTAHADEKEALMSELKIMSHLGQHENIVNLLGACTHGGPVLVITEYCCYGDLLNFLRRKRPPGLEYSYNPSHNPE
EQLSSRDLLHFSSQVAQGMAFLASKNCIHRDVAARNVLLTNGHVAKIGDFGLARDIMNDSNYIVKGNARLPVKWMAPESI
FDCVYTVQSDVWSYGILLWEIFSLGLNPYPGILVNSKFYKLVKDGYQMAQPAFAPKNIYSIMQACWALEPTHRPTFQQIC
SFLQEQAQEDRRERD
;
_entity_poly.pdbx_strand_id   A
#
loop_
_chem_comp.id
_chem_comp.type
_chem_comp.name
_chem_comp.formula
5CN non-polymer '5-CYANO-FURAN-2-CARBOXYLIC ACID [5-HYDROXYMETHYL-2-(4-METHYL-PIPERIDIN-1-YL)-PHENYL]-AMIDE' 'C19 H21 N3 O3'
#
# COMPACT_ATOMS: atom_id res chain seq x y z
N VAL A 14 2.57 2.93 -8.18
CA VAL A 14 3.33 4.21 -8.36
C VAL A 14 3.23 5.04 -7.08
N ARG A 15 2.43 6.10 -7.12
CA ARG A 15 2.24 6.97 -5.96
C ARG A 15 0.76 7.26 -5.73
N TRP A 16 0.41 7.54 -4.47
CA TRP A 16 -0.97 7.87 -4.12
C TRP A 16 -1.37 9.14 -4.82
N LYS A 17 -2.64 9.26 -5.16
CA LYS A 17 -3.12 10.45 -5.87
C LYS A 17 -4.63 10.68 -5.70
N ILE A 18 -4.99 11.94 -5.49
CA ILE A 18 -6.40 12.30 -5.34
C ILE A 18 -6.96 12.54 -6.74
N ILE A 19 -8.04 11.84 -7.07
CA ILE A 19 -8.67 11.98 -8.38
C ILE A 19 -10.02 12.68 -8.23
N GLU A 20 -10.71 12.92 -9.35
CA GLU A 20 -12.00 13.61 -9.32
C GLU A 20 -13.24 12.72 -9.29
N SER A 21 -14.08 12.96 -8.28
CA SER A 21 -15.34 12.24 -8.07
C SER A 21 -15.40 10.71 -8.14
N TYR A 22 -16.08 10.12 -7.17
CA TYR A 22 -16.26 8.67 -7.08
C TYR A 22 -17.25 8.27 -5.96
N GLU A 23 -16.93 7.20 -5.24
CA GLU A 23 -17.77 6.67 -4.16
C GLU A 23 -19.23 6.58 -4.57
N SER A 26 -16.62 10.24 -2.92
CA SER A 26 -17.42 11.39 -2.52
C SER A 26 -17.14 12.54 -3.48
N TYR A 27 -17.07 13.77 -2.95
CA TYR A 27 -16.82 14.93 -3.80
C TYR A 27 -15.44 15.52 -3.50
N THR A 28 -14.70 15.82 -4.56
CA THR A 28 -13.36 16.40 -4.43
C THR A 28 -13.45 17.91 -4.68
N PHE A 29 -13.32 18.69 -3.61
CA PHE A 29 -13.37 20.15 -3.73
C PHE A 29 -12.01 20.75 -4.02
N ILE A 30 -10.98 20.19 -3.38
CA ILE A 30 -9.61 20.66 -3.56
C ILE A 30 -8.72 19.50 -4.01
N GLU A 39 1.18 24.92 8.25
CA GLU A 39 2.48 24.40 8.68
C GLU A 39 2.39 23.90 10.12
N LYS A 40 1.20 23.43 10.48
CA LYS A 40 0.96 22.90 11.82
C LYS A 40 1.76 21.61 12.01
N TRP A 41 2.17 21.02 10.89
CA TRP A 41 2.93 19.77 10.93
C TRP A 41 4.43 19.96 11.19
N GLU A 42 4.89 21.20 11.19
CA GLU A 42 6.31 21.46 11.40
C GLU A 42 6.82 20.93 12.73
N PHE A 43 7.97 20.24 12.66
CA PHE A 43 8.60 19.66 13.85
C PHE A 43 10.09 19.99 13.78
N PRO A 44 10.75 20.22 14.94
CA PRO A 44 12.18 20.55 14.95
C PRO A 44 13.01 19.33 14.58
N ARG A 45 13.82 19.43 13.53
CA ARG A 45 14.64 18.30 13.12
C ARG A 45 15.68 17.92 14.17
N ASN A 46 16.10 18.87 14.99
CA ASN A 46 17.09 18.58 16.01
C ASN A 46 16.49 17.71 17.11
N ASN A 47 15.15 17.62 17.11
CA ASN A 47 14.43 16.79 18.08
C ASN A 47 14.22 15.40 17.49
N LEU A 48 15.06 15.07 16.51
CA LEU A 48 14.99 13.78 15.82
C LEU A 48 16.33 13.05 15.94
N GLN A 49 16.29 11.79 16.36
CA GLN A 49 17.51 11.00 16.47
C GLN A 49 17.38 9.84 15.50
N PHE A 50 18.12 9.93 14.40
CA PHE A 50 18.08 8.91 13.36
C PHE A 50 18.74 7.59 13.70
N GLY A 51 18.14 6.51 13.18
CA GLY A 51 18.64 5.18 13.41
C GLY A 51 19.00 4.50 12.10
N LYS A 52 18.73 3.20 12.02
CA LYS A 52 19.03 2.44 10.81
C LYS A 52 18.08 2.74 9.66
N THR A 53 18.59 2.52 8.45
CA THR A 53 17.80 2.72 7.24
C THR A 53 16.92 1.48 7.07
N LEU A 54 15.65 1.67 6.79
CA LEU A 54 14.70 0.57 6.62
C LEU A 54 14.62 0.11 5.17
N GLY A 55 14.73 1.06 4.25
CA GLY A 55 14.68 0.74 2.84
C GLY A 55 14.99 1.99 2.04
N ALA A 56 15.25 1.80 0.75
CA ALA A 56 15.55 2.93 -0.11
C ALA A 56 15.31 2.59 -1.56
N GLY A 57 15.04 3.62 -2.36
CA GLY A 57 14.80 3.44 -3.77
C GLY A 57 15.79 4.28 -4.56
N ALA A 58 15.52 4.47 -5.84
CA ALA A 58 16.40 5.25 -6.70
C ALA A 58 16.57 6.70 -6.25
N PHE A 59 15.50 7.32 -5.77
CA PHE A 59 15.61 8.71 -5.37
C PHE A 59 15.16 9.08 -3.95
N GLY A 60 14.98 8.07 -3.10
CA GLY A 60 14.58 8.35 -1.73
C GLY A 60 14.83 7.19 -0.79
N LYS A 61 14.66 7.44 0.51
CA LYS A 61 14.87 6.39 1.50
C LYS A 61 14.11 6.72 2.77
N VAL A 62 13.80 5.68 3.56
CA VAL A 62 13.09 5.86 4.82
C VAL A 62 13.96 5.28 5.93
N VAL A 63 14.07 6.02 7.03
CA VAL A 63 14.87 5.57 8.16
C VAL A 63 14.09 5.59 9.45
N GLU A 64 14.47 4.71 10.37
CA GLU A 64 13.84 4.63 11.67
C GLU A 64 14.50 5.70 12.53
N ALA A 65 13.71 6.37 13.35
CA ALA A 65 14.25 7.41 14.20
C ALA A 65 13.40 7.62 15.44
N THR A 66 13.98 8.30 16.44
CA THR A 66 13.29 8.60 17.68
C THR A 66 12.98 10.09 17.69
N ALA A 67 11.73 10.45 17.93
CA ALA A 67 11.33 11.86 17.97
C ALA A 67 10.99 12.24 19.41
N PHE A 68 11.59 13.32 19.89
CA PHE A 68 11.34 13.76 21.26
C PHE A 68 10.37 14.93 21.31
N GLY A 69 9.26 14.74 22.03
CA GLY A 69 8.28 15.79 22.14
C GLY A 69 7.51 15.98 20.85
N LEU A 70 6.82 14.94 20.42
CA LEU A 70 6.04 15.00 19.18
C LEU A 70 4.56 14.88 19.48
N GLY A 71 3.77 15.79 18.90
CA GLY A 71 2.33 15.77 19.12
C GLY A 71 1.92 16.51 20.38
N LYS A 72 0.63 16.46 20.68
CA LYS A 72 0.09 17.14 21.86
C LYS A 72 0.42 16.35 23.13
N GLU A 73 0.80 15.09 22.96
CA GLU A 73 1.13 14.24 24.09
C GLU A 73 2.63 14.27 24.41
N ASP A 74 3.39 15.01 23.62
CA ASP A 74 4.83 15.15 23.82
C ASP A 74 5.51 13.80 23.98
N ALA A 75 5.15 12.84 23.13
CA ALA A 75 5.73 11.51 23.18
C ALA A 75 7.15 11.48 22.65
N VAL A 76 7.87 10.40 22.97
CA VAL A 76 9.24 10.21 22.53
C VAL A 76 9.25 9.04 21.55
N LEU A 77 8.06 8.57 21.22
CA LEU A 77 7.84 7.45 20.32
C LEU A 77 8.83 7.28 19.18
N LYS A 78 8.92 6.06 18.68
CA LYS A 78 9.79 5.72 17.57
C LYS A 78 8.96 6.05 16.33
N VAL A 79 9.59 6.56 15.29
CA VAL A 79 8.88 6.93 14.08
C VAL A 79 9.66 6.61 12.82
N ALA A 80 9.03 6.83 11.68
CA ALA A 80 9.68 6.59 10.40
C ALA A 80 9.89 7.94 9.74
N VAL A 81 11.07 8.15 9.16
CA VAL A 81 11.39 9.41 8.51
C VAL A 81 11.79 9.19 7.06
N LYS A 82 10.98 9.73 6.15
CA LYS A 82 11.23 9.62 4.72
C LYS A 82 11.99 10.85 4.27
N MET A 83 12.96 10.66 3.38
CA MET A 83 13.78 11.75 2.87
C MET A 83 14.34 11.40 1.50
N LEU A 84 14.79 12.41 0.77
CA LEU A 84 15.33 12.19 -0.57
C LEU A 84 16.82 11.84 -0.50
N LYS A 85 17.35 11.31 -1.60
CA LYS A 85 18.76 10.95 -1.68
C LYS A 85 19.49 12.00 -2.50
N SER A 86 20.81 11.90 -2.55
CA SER A 86 21.65 12.83 -3.29
C SER A 86 21.32 12.86 -4.78
N THR A 87 20.86 11.73 -5.30
CA THR A 87 20.53 11.60 -6.71
C THR A 87 19.17 12.21 -7.07
N ALA A 88 18.55 12.89 -6.13
CA ALA A 88 17.24 13.49 -6.37
C ALA A 88 17.30 14.98 -6.72
N HIS A 89 16.38 15.42 -7.56
CA HIS A 89 16.32 16.82 -7.98
C HIS A 89 14.94 17.43 -7.72
N ALA A 90 14.67 18.55 -8.38
CA ALA A 90 13.40 19.26 -8.22
C ALA A 90 12.20 18.31 -8.27
N ASP A 91 12.00 17.67 -9.41
CA ASP A 91 10.89 16.75 -9.61
C ASP A 91 10.72 15.79 -8.43
N GLU A 92 11.83 15.29 -7.92
CA GLU A 92 11.82 14.37 -6.79
C GLU A 92 11.31 15.08 -5.54
N LYS A 93 11.86 16.25 -5.28
CA LYS A 93 11.48 17.06 -4.12
C LYS A 93 9.99 17.40 -4.14
N GLU A 94 9.45 17.64 -5.33
CA GLU A 94 8.05 17.98 -5.47
C GLU A 94 7.17 16.78 -5.11
N ALA A 95 7.55 15.60 -5.58
CA ALA A 95 6.80 14.38 -5.30
C ALA A 95 6.71 14.13 -3.79
N LEU A 96 7.79 14.42 -3.08
CA LEU A 96 7.79 14.22 -1.63
C LEU A 96 6.85 15.22 -0.95
N MET A 97 6.88 16.47 -1.43
CA MET A 97 6.02 17.51 -0.89
C MET A 97 4.56 17.19 -1.23
N SER A 98 4.34 16.62 -2.41
CA SER A 98 2.98 16.26 -2.82
C SER A 98 2.42 15.15 -1.94
N GLU A 99 3.26 14.19 -1.57
CA GLU A 99 2.80 13.10 -0.71
C GLU A 99 2.47 13.72 0.64
N LEU A 100 3.33 14.62 1.09
CA LEU A 100 3.16 15.29 2.37
C LEU A 100 1.80 16.00 2.37
N LYS A 101 1.51 16.70 1.28
CA LYS A 101 0.26 17.42 1.14
C LYS A 101 -0.97 16.49 1.12
N ILE A 102 -0.85 15.36 0.44
CA ILE A 102 -1.95 14.40 0.38
C ILE A 102 -2.26 13.85 1.77
N MET A 103 -1.21 13.41 2.46
CA MET A 103 -1.36 12.85 3.80
C MET A 103 -1.95 13.87 4.78
N SER A 104 -1.56 15.14 4.64
CA SER A 104 -2.07 16.17 5.53
C SER A 104 -3.55 16.46 5.26
N HIS A 105 -4.00 16.11 4.06
CA HIS A 105 -5.39 16.33 3.65
C HIS A 105 -6.32 15.16 3.95
N LEU A 106 -5.79 13.95 3.88
CA LEU A 106 -6.59 12.76 4.11
C LEU A 106 -7.15 12.63 5.53
N GLY A 107 -6.32 12.98 6.51
CA GLY A 107 -6.75 12.85 7.89
C GLY A 107 -6.30 11.50 8.39
N GLN A 108 -6.41 11.26 9.69
CA GLN A 108 -5.98 9.99 10.26
C GLN A 108 -6.97 8.83 10.16
N HIS A 109 -6.43 7.61 10.15
CA HIS A 109 -7.22 6.39 10.12
C HIS A 109 -6.38 5.28 10.72
N GLU A 110 -7.01 4.44 11.52
CA GLU A 110 -6.31 3.36 12.19
C GLU A 110 -5.52 2.40 11.30
N ASN A 111 -5.95 2.23 10.05
CA ASN A 111 -5.24 1.32 9.15
C ASN A 111 -4.42 1.99 8.06
N ILE A 112 -4.00 3.23 8.34
CA ILE A 112 -3.15 3.99 7.43
C ILE A 112 -1.88 4.32 8.20
N VAL A 113 -0.76 4.40 7.50
CA VAL A 113 0.50 4.79 8.14
C VAL A 113 0.36 6.31 8.17
N ASN A 114 -0.16 6.81 9.30
CA ASN A 114 -0.43 8.23 9.48
C ASN A 114 0.73 9.20 9.53
N LEU A 115 0.46 10.40 9.02
CA LEU A 115 1.45 11.48 9.04
C LEU A 115 1.49 12.00 10.47
N LEU A 116 2.68 12.26 11.00
CA LEU A 116 2.82 12.77 12.36
C LEU A 116 3.53 14.12 12.40
N GLY A 117 4.28 14.41 11.35
CA GLY A 117 5.00 15.68 11.27
C GLY A 117 5.89 15.78 10.06
N ALA A 118 6.59 16.91 9.95
CA ALA A 118 7.49 17.15 8.84
C ALA A 118 8.52 18.21 9.18
N CYS A 119 9.65 18.16 8.49
CA CYS A 119 10.71 19.15 8.68
C CYS A 119 10.97 19.69 7.29
N THR A 120 10.47 20.89 7.01
CA THR A 120 10.62 21.46 5.69
C THR A 120 11.52 22.70 5.65
N HIS A 121 12.02 23.11 6.82
CA HIS A 121 12.90 24.27 6.90
C HIS A 121 14.18 23.89 7.62
N GLY A 122 15.24 24.66 7.40
CA GLY A 122 16.51 24.41 8.05
C GLY A 122 17.23 23.15 7.62
N GLY A 123 16.92 22.67 6.43
CA GLY A 123 17.57 21.46 5.94
C GLY A 123 16.71 20.66 4.97
N PRO A 124 17.18 19.48 4.53
CA PRO A 124 16.40 18.65 3.60
C PRO A 124 15.01 18.35 4.14
N VAL A 125 14.03 18.21 3.24
CA VAL A 125 12.66 17.93 3.65
C VAL A 125 12.55 16.52 4.25
N LEU A 126 11.94 16.44 5.42
CA LEU A 126 11.76 15.17 6.11
C LEU A 126 10.28 14.95 6.41
N VAL A 127 9.77 13.76 6.08
CA VAL A 127 8.37 13.46 6.35
C VAL A 127 8.30 12.39 7.44
N ILE A 128 7.71 12.76 8.57
CA ILE A 128 7.61 11.85 9.71
C ILE A 128 6.27 11.14 9.77
N THR A 129 6.31 9.81 9.77
CA THR A 129 5.07 9.02 9.82
C THR A 129 5.20 7.98 10.92
N GLU A 130 4.11 7.29 11.21
CA GLU A 130 4.14 6.24 12.21
C GLU A 130 5.11 5.18 11.72
N TYR A 131 5.71 4.46 12.66
CA TYR A 131 6.66 3.39 12.35
C TYR A 131 5.96 2.06 12.63
N CYS A 132 6.16 1.08 11.75
CA CYS A 132 5.53 -0.23 11.90
C CYS A 132 6.59 -1.28 12.24
N CYS A 133 6.74 -1.53 13.53
CA CYS A 133 7.76 -2.45 14.05
C CYS A 133 7.88 -3.85 13.45
N TYR A 134 6.79 -4.45 13.00
CA TYR A 134 6.87 -5.80 12.43
C TYR A 134 7.24 -5.86 10.95
N GLY A 135 7.32 -4.70 10.31
CA GLY A 135 7.68 -4.69 8.90
C GLY A 135 6.53 -5.06 7.98
N ASP A 136 6.87 -5.51 6.78
CA ASP A 136 5.86 -5.86 5.79
C ASP A 136 5.17 -7.21 5.97
N LEU A 137 3.91 -7.25 5.56
CA LEU A 137 3.07 -8.43 5.66
C LEU A 137 3.59 -9.61 4.84
N LEU A 138 4.18 -9.34 3.68
CA LEU A 138 4.70 -10.41 2.84
C LEU A 138 5.79 -11.21 3.56
N ASN A 139 6.77 -10.52 4.13
CA ASN A 139 7.83 -11.19 4.86
C ASN A 139 7.28 -11.91 6.09
N PHE A 140 6.29 -11.28 6.74
CA PHE A 140 5.66 -11.87 7.93
C PHE A 140 4.99 -13.20 7.61
N LEU A 141 4.28 -13.25 6.47
CA LEU A 141 3.60 -14.46 6.05
C LEU A 141 4.59 -15.55 5.70
N ARG A 142 5.71 -15.17 5.08
CA ARG A 142 6.72 -16.13 4.69
C ARG A 142 7.47 -16.78 5.85
N ARG A 143 7.58 -16.06 6.96
CA ARG A 143 8.26 -16.62 8.14
C ARG A 143 7.27 -17.29 9.09
N LYS A 144 5.99 -17.26 8.72
CA LYS A 144 4.94 -17.87 9.52
C LYS A 144 4.35 -19.12 8.90
N ARG A 145 4.89 -19.53 7.75
CA ARG A 145 4.39 -20.73 7.07
C ARG A 145 4.58 -21.99 7.92
N GLN A 162 2.37 -18.94 15.70
CA GLN A 162 1.78 -19.42 14.46
C GLN A 162 0.57 -18.60 14.02
N LEU A 163 0.30 -18.59 12.73
CA LEU A 163 -0.82 -17.84 12.17
C LEU A 163 -2.07 -18.70 12.11
N SER A 164 -3.21 -18.09 12.42
CA SER A 164 -4.48 -18.80 12.38
C SER A 164 -5.29 -18.23 11.24
N SER A 165 -6.39 -18.90 10.90
CA SER A 165 -7.27 -18.45 9.83
C SER A 165 -7.86 -17.11 10.24
N ARG A 166 -8.13 -16.95 11.53
CA ARG A 166 -8.69 -15.70 12.06
C ARG A 166 -7.74 -14.53 11.80
N ASP A 167 -6.44 -14.76 11.98
CA ASP A 167 -5.43 -13.74 11.74
C ASP A 167 -5.44 -13.27 10.29
N LEU A 168 -5.54 -14.23 9.36
CA LEU A 168 -5.56 -13.91 7.94
C LEU A 168 -6.78 -13.07 7.60
N LEU A 169 -7.92 -13.42 8.18
CA LEU A 169 -9.14 -12.67 7.94
C LEU A 169 -9.03 -11.25 8.50
N HIS A 170 -8.32 -11.10 9.62
CA HIS A 170 -8.13 -9.79 10.22
C HIS A 170 -7.25 -8.91 9.33
N PHE A 171 -6.19 -9.50 8.78
CA PHE A 171 -5.30 -8.78 7.88
C PHE A 171 -6.13 -8.25 6.73
N SER A 172 -6.95 -9.14 6.17
CA SER A 172 -7.81 -8.82 5.04
C SER A 172 -8.77 -7.67 5.34
N SER A 173 -9.44 -7.74 6.50
CA SER A 173 -10.39 -6.69 6.90
C SER A 173 -9.72 -5.34 7.16
N GLN A 174 -8.59 -5.36 7.84
CA GLN A 174 -7.89 -4.11 8.15
C GLN A 174 -7.47 -3.38 6.88
N VAL A 175 -6.97 -4.12 5.88
CA VAL A 175 -6.56 -3.47 4.62
C VAL A 175 -7.79 -2.95 3.86
N ALA A 176 -8.88 -3.70 3.89
CA ALA A 176 -10.08 -3.29 3.20
C ALA A 176 -10.63 -2.03 3.86
N GLN A 177 -10.45 -1.93 5.18
CA GLN A 177 -10.91 -0.75 5.92
C GLN A 177 -10.08 0.44 5.49
N GLY A 178 -8.77 0.25 5.38
CA GLY A 178 -7.91 1.34 4.96
C GLY A 178 -8.21 1.76 3.53
N MET A 179 -8.46 0.78 2.67
CA MET A 179 -8.77 1.07 1.27
C MET A 179 -10.14 1.74 1.14
N ALA A 180 -11.09 1.35 1.97
CA ALA A 180 -12.41 1.97 1.92
C ALA A 180 -12.24 3.43 2.33
N PHE A 181 -11.31 3.69 3.24
CA PHE A 181 -11.04 5.05 3.69
C PHE A 181 -10.48 5.87 2.52
N LEU A 182 -9.49 5.33 1.83
CA LEU A 182 -8.90 6.05 0.71
C LEU A 182 -9.97 6.30 -0.35
N ALA A 183 -10.74 5.27 -0.66
CA ALA A 183 -11.81 5.39 -1.65
C ALA A 183 -12.76 6.54 -1.30
N SER A 184 -13.07 6.68 -0.01
CA SER A 184 -13.99 7.72 0.43
C SER A 184 -13.41 9.12 0.24
N LYS A 185 -12.09 9.21 0.04
CA LYS A 185 -11.41 10.49 -0.16
C LYS A 185 -10.98 10.63 -1.61
N ASN A 186 -11.50 9.75 -2.45
CA ASN A 186 -11.14 9.74 -3.87
C ASN A 186 -9.63 9.64 -4.05
N CYS A 187 -9.00 8.83 -3.20
CA CYS A 187 -7.55 8.64 -3.28
C CYS A 187 -7.23 7.26 -3.83
N ILE A 188 -6.43 7.22 -4.89
CA ILE A 188 -6.04 5.94 -5.49
C ILE A 188 -4.66 5.56 -4.97
N HIS A 189 -4.48 4.27 -4.73
CA HIS A 189 -3.25 3.74 -4.16
C HIS A 189 -2.20 3.35 -5.22
N ARG A 190 -2.64 2.56 -6.19
CA ARG A 190 -1.81 2.11 -7.31
C ARG A 190 -0.70 1.07 -7.07
N ASP A 191 -0.49 0.62 -5.83
CA ASP A 191 0.53 -0.40 -5.60
C ASP A 191 0.08 -1.31 -4.43
N VAL A 192 -1.19 -1.71 -4.45
CA VAL A 192 -1.72 -2.59 -3.40
C VAL A 192 -1.06 -3.96 -3.60
N ALA A 193 -0.35 -4.40 -2.56
CA ALA A 193 0.37 -5.68 -2.57
C ALA A 193 0.81 -5.97 -1.13
N ALA A 194 1.03 -7.24 -0.81
CA ALA A 194 1.44 -7.61 0.54
C ALA A 194 2.75 -6.93 0.96
N ARG A 195 3.65 -6.69 0.01
CA ARG A 195 4.91 -6.03 0.32
C ARG A 195 4.63 -4.59 0.76
N ASN A 196 3.43 -4.09 0.45
CA ASN A 196 3.05 -2.72 0.82
C ASN A 196 2.04 -2.59 1.96
N VAL A 197 1.93 -3.65 2.74
CA VAL A 197 1.06 -3.65 3.90
C VAL A 197 2.02 -3.84 5.07
N LEU A 198 1.99 -2.91 6.02
CA LEU A 198 2.90 -2.99 7.16
C LEU A 198 2.14 -3.42 8.38
N LEU A 199 2.85 -3.99 9.34
CA LEU A 199 2.23 -4.47 10.56
C LEU A 199 2.87 -3.74 11.74
N THR A 200 2.02 -3.16 12.57
CA THR A 200 2.50 -2.43 13.73
C THR A 200 2.09 -3.16 15.01
N ASN A 201 2.10 -2.45 16.14
CA ASN A 201 1.71 -3.03 17.42
C ASN A 201 0.43 -3.83 17.28
N GLY A 202 0.39 -5.01 17.89
CA GLY A 202 -0.80 -5.86 17.82
C GLY A 202 -0.97 -6.51 16.45
N HIS A 203 0.06 -6.43 15.62
CA HIS A 203 0.01 -7.01 14.29
C HIS A 203 -1.14 -6.43 13.47
N VAL A 204 -1.46 -5.16 13.73
CA VAL A 204 -2.52 -4.49 13.01
C VAL A 204 -1.93 -4.01 11.67
N ALA A 205 -2.68 -4.22 10.60
CA ALA A 205 -2.22 -3.82 9.27
C ALA A 205 -2.47 -2.36 8.95
N LYS A 206 -1.52 -1.76 8.24
CA LYS A 206 -1.63 -0.37 7.82
C LYS A 206 -1.09 -0.25 6.40
N ILE A 207 -1.65 0.69 5.63
CA ILE A 207 -1.20 0.90 4.27
C ILE A 207 -0.66 2.33 4.18
N GLY A 208 0.21 2.60 3.22
CA GLY A 208 0.75 3.93 3.07
C GLY A 208 1.44 4.07 1.72
N ASP A 209 1.91 5.27 1.41
CA ASP A 209 2.62 5.47 0.16
C ASP A 209 4.10 5.24 0.47
N PHE A 210 4.63 4.11 0.03
CA PHE A 210 6.02 3.77 0.30
C PHE A 210 6.88 3.88 -0.95
N GLY A 211 6.30 4.38 -2.02
CA GLY A 211 7.01 4.51 -3.28
C GLY A 211 8.38 5.15 -3.27
N LEU A 212 8.56 6.24 -2.52
CA LEU A 212 9.86 6.92 -2.51
C LEU A 212 10.98 6.13 -1.83
N ALA A 213 10.62 5.12 -1.05
CA ALA A 213 11.60 4.29 -0.36
C ALA A 213 11.61 2.86 -0.88
N ARG A 214 10.82 2.60 -1.92
CA ARG A 214 10.71 1.28 -2.52
C ARG A 214 11.86 1.04 -3.49
N ASP A 215 12.59 -0.05 -3.29
CA ASP A 215 13.73 -0.40 -4.14
C ASP A 215 13.19 -1.03 -5.42
N ILE A 216 12.59 -0.20 -6.26
CA ILE A 216 11.98 -0.62 -7.52
C ILE A 216 12.93 -1.11 -8.62
N MET A 217 14.11 -0.53 -8.68
CA MET A 217 15.09 -0.88 -9.70
C MET A 217 15.62 -2.31 -9.56
N ASN A 218 15.72 -2.77 -8.32
CA ASN A 218 16.27 -4.08 -8.04
C ASN A 218 15.25 -5.14 -7.63
N ASP A 219 13.96 -4.78 -7.73
CA ASP A 219 12.89 -5.72 -7.40
C ASP A 219 12.31 -6.19 -8.72
N SER A 220 12.51 -7.47 -9.04
CA SER A 220 12.03 -8.04 -10.30
C SER A 220 10.52 -8.06 -10.45
N ASN A 221 9.79 -7.77 -9.37
CA ASN A 221 8.34 -7.72 -9.42
C ASN A 221 7.88 -6.45 -10.13
N TYR A 222 8.80 -5.50 -10.28
CA TYR A 222 8.45 -4.28 -11.01
C TYR A 222 9.07 -4.46 -12.39
N ILE A 223 8.19 -4.62 -13.38
CA ILE A 223 8.57 -4.86 -14.76
C ILE A 223 8.87 -3.59 -15.54
N VAL A 224 9.97 -3.62 -16.28
CA VAL A 224 10.37 -2.48 -17.09
C VAL A 224 9.35 -2.30 -18.20
N LYS A 225 8.83 -1.09 -18.31
CA LYS A 225 7.84 -0.76 -19.33
C LYS A 225 8.15 0.65 -19.83
N GLY A 226 9.00 0.74 -20.85
CA GLY A 226 9.38 2.02 -21.40
C GLY A 226 10.30 2.80 -20.47
N ALA A 228 9.48 3.13 -17.31
CA ALA A 228 8.62 2.87 -16.16
C ALA A 228 8.81 1.45 -15.63
N ARG A 229 8.66 1.29 -14.32
CA ARG A 229 8.79 -0.02 -13.68
C ARG A 229 7.45 -0.23 -12.98
N LEU A 230 6.66 -1.16 -13.50
CA LEU A 230 5.34 -1.41 -12.93
C LEU A 230 5.15 -2.80 -12.36
N PRO A 231 4.42 -2.92 -11.25
CA PRO A 231 4.16 -4.22 -10.62
C PRO A 231 3.04 -4.89 -11.41
N VAL A 232 3.36 -5.31 -12.63
CA VAL A 232 2.38 -5.92 -13.53
C VAL A 232 1.49 -7.05 -12.99
N LYS A 233 2.04 -7.98 -12.23
CA LYS A 233 1.22 -9.09 -11.73
C LYS A 233 0.12 -8.66 -10.74
N TRP A 234 0.18 -7.41 -10.29
CA TRP A 234 -0.80 -6.87 -9.35
C TRP A 234 -1.76 -5.90 -10.03
N MET A 235 -1.48 -5.57 -11.29
CA MET A 235 -2.30 -4.57 -11.97
C MET A 235 -3.53 -5.05 -12.75
N ALA A 236 -4.59 -4.26 -12.67
CA ALA A 236 -5.82 -4.57 -13.36
C ALA A 236 -5.57 -4.40 -14.86
N PRO A 237 -6.31 -5.14 -15.70
CA PRO A 237 -6.12 -5.05 -17.16
C PRO A 237 -6.24 -3.64 -17.73
N GLU A 238 -7.25 -2.88 -17.33
CA GLU A 238 -7.42 -1.52 -17.84
C GLU A 238 -6.19 -0.67 -17.52
N SER A 239 -5.58 -0.92 -16.36
CA SER A 239 -4.38 -0.18 -15.96
C SER A 239 -3.21 -0.60 -16.83
N ILE A 240 -3.21 -1.87 -17.23
CA ILE A 240 -2.16 -2.43 -18.06
C ILE A 240 -2.34 -2.11 -19.55
N PHE A 241 -3.57 -2.24 -20.04
CA PHE A 241 -3.84 -2.02 -21.46
C PHE A 241 -4.32 -0.63 -21.84
N ASP A 242 -5.07 0.03 -20.95
CA ASP A 242 -5.59 1.36 -21.25
C ASP A 242 -4.93 2.43 -20.38
N CYS A 243 -4.07 1.99 -19.47
CA CYS A 243 -3.37 2.91 -18.59
C CYS A 243 -4.38 3.76 -17.80
N VAL A 244 -5.47 3.13 -17.41
CA VAL A 244 -6.51 3.77 -16.64
C VAL A 244 -6.32 3.33 -15.18
N TYR A 245 -6.34 4.30 -14.28
CA TYR A 245 -6.18 4.01 -12.85
C TYR A 245 -7.33 4.62 -12.06
N THR A 246 -8.12 3.76 -11.43
CA THR A 246 -9.25 4.21 -10.64
C THR A 246 -9.34 3.37 -9.37
N VAL A 247 -10.35 3.64 -8.54
CA VAL A 247 -10.54 2.88 -7.31
C VAL A 247 -10.82 1.42 -7.64
N GLN A 248 -11.53 1.17 -8.74
CA GLN A 248 -11.85 -0.19 -9.16
C GLN A 248 -10.58 -0.94 -9.55
N SER A 249 -9.58 -0.20 -10.03
CA SER A 249 -8.30 -0.79 -10.40
C SER A 249 -7.62 -1.31 -9.13
N ASP A 250 -7.70 -0.52 -8.05
CA ASP A 250 -7.10 -0.92 -6.76
C ASP A 250 -7.83 -2.14 -6.18
N VAL A 251 -9.11 -2.28 -6.51
CA VAL A 251 -9.90 -3.42 -6.03
C VAL A 251 -9.34 -4.71 -6.63
N TRP A 252 -8.99 -4.67 -7.91
CA TRP A 252 -8.40 -5.82 -8.57
C TRP A 252 -7.13 -6.19 -7.82
N SER A 253 -6.28 -5.20 -7.58
CA SER A 253 -5.03 -5.41 -6.87
C SER A 253 -5.26 -5.98 -5.48
N TYR A 254 -6.33 -5.52 -4.83
CA TYR A 254 -6.68 -6.01 -3.51
C TYR A 254 -7.00 -7.50 -3.57
N GLY A 255 -7.52 -7.95 -4.71
CA GLY A 255 -7.84 -9.36 -4.89
C GLY A 255 -6.56 -10.17 -4.98
N ILE A 256 -5.55 -9.62 -5.63
CA ILE A 256 -4.24 -10.27 -5.75
C ILE A 256 -3.61 -10.32 -4.33
N LEU A 257 -3.78 -9.25 -3.56
CA LEU A 257 -3.25 -9.20 -2.19
C LEU A 257 -3.90 -10.33 -1.38
N LEU A 258 -5.21 -10.53 -1.56
CA LEU A 258 -5.92 -11.59 -0.84
C LEU A 258 -5.34 -12.96 -1.17
N TRP A 259 -4.98 -13.15 -2.44
CA TRP A 259 -4.40 -14.41 -2.87
C TRP A 259 -3.02 -14.58 -2.19
N GLU A 260 -2.28 -13.47 -2.03
CA GLU A 260 -0.99 -13.55 -1.37
C GLU A 260 -1.15 -13.92 0.11
N ILE A 261 -2.15 -13.32 0.75
CA ILE A 261 -2.42 -13.59 2.15
C ILE A 261 -2.84 -15.05 2.37
N PHE A 262 -3.78 -15.53 1.57
CA PHE A 262 -4.26 -16.89 1.77
C PHE A 262 -3.43 -18.02 1.16
N SER A 263 -2.29 -17.66 0.56
CA SER A 263 -1.36 -18.64 0.02
C SER A 263 -0.14 -18.57 0.94
N LEU A 264 -0.26 -17.72 1.96
CA LEU A 264 0.82 -17.48 2.93
C LEU A 264 2.07 -16.92 2.25
N GLY A 265 1.86 -15.99 1.33
CA GLY A 265 2.97 -15.33 0.66
C GLY A 265 3.58 -15.84 -0.64
N LEU A 266 2.88 -16.67 -1.40
CA LEU A 266 3.42 -17.13 -2.67
C LEU A 266 3.46 -15.96 -3.67
N ASN A 267 4.37 -16.00 -4.64
CA ASN A 267 4.43 -14.95 -5.66
C ASN A 267 3.23 -15.26 -6.58
N PRO A 268 2.42 -14.25 -6.93
CA PRO A 268 1.26 -14.48 -7.79
C PRO A 268 1.63 -15.09 -9.16
N TYR A 269 0.69 -15.83 -9.74
CA TYR A 269 0.94 -16.48 -11.03
C TYR A 269 2.26 -17.25 -10.93
N PRO A 270 2.34 -18.19 -9.96
CA PRO A 270 3.55 -18.98 -9.74
C PRO A 270 4.17 -19.65 -10.97
N GLY A 271 5.45 -19.39 -11.18
CA GLY A 271 6.16 -19.98 -12.31
C GLY A 271 5.88 -19.32 -13.65
N ILE A 272 4.92 -18.39 -13.68
CA ILE A 272 4.58 -17.71 -14.93
C ILE A 272 5.34 -16.40 -15.06
N LEU A 273 6.14 -16.29 -16.11
CA LEU A 273 6.93 -15.10 -16.35
C LEU A 273 6.05 -14.01 -16.97
N VAL A 274 6.44 -12.76 -16.78
CA VAL A 274 5.69 -11.65 -17.34
C VAL A 274 6.15 -11.42 -18.78
N ASN A 275 5.26 -11.65 -19.72
CA ASN A 275 5.53 -11.45 -21.14
C ASN A 275 4.22 -11.51 -21.91
N SER A 276 4.30 -11.55 -23.23
CA SER A 276 3.11 -11.58 -24.07
C SER A 276 2.11 -12.65 -23.66
N LYS A 277 2.59 -13.85 -23.35
CA LYS A 277 1.70 -14.92 -22.94
C LYS A 277 0.91 -14.51 -21.70
N PHE A 278 1.60 -13.92 -20.73
CA PHE A 278 0.95 -13.48 -19.50
C PHE A 278 -0.15 -12.46 -19.77
N TYR A 279 0.21 -11.41 -20.51
CA TYR A 279 -0.74 -10.37 -20.85
C TYR A 279 -1.96 -10.92 -21.58
N LYS A 280 -1.75 -11.89 -22.46
CA LYS A 280 -2.85 -12.49 -23.20
C LYS A 280 -3.75 -13.26 -22.27
N LEU A 281 -3.15 -13.94 -21.30
CA LEU A 281 -3.92 -14.70 -20.33
C LEU A 281 -4.83 -13.80 -19.51
N VAL A 282 -4.25 -12.80 -18.85
CA VAL A 282 -5.05 -11.90 -18.04
C VAL A 282 -6.15 -11.22 -18.86
N LYS A 283 -5.80 -10.76 -20.06
CA LYS A 283 -6.78 -10.09 -20.90
C LYS A 283 -7.88 -11.08 -21.28
N ASP A 284 -7.50 -12.33 -21.50
CA ASP A 284 -8.47 -13.36 -21.87
C ASP A 284 -9.35 -13.87 -20.72
N GLY A 285 -9.09 -13.39 -19.50
CA GLY A 285 -9.92 -13.80 -18.38
C GLY A 285 -9.34 -14.85 -17.45
N TYR A 286 -8.04 -15.14 -17.58
CA TYR A 286 -7.41 -16.13 -16.72
C TYR A 286 -7.35 -15.61 -15.28
N GLN A 287 -7.57 -16.51 -14.32
CA GLN A 287 -7.52 -16.16 -12.89
C GLN A 287 -6.75 -17.26 -12.15
N MET A 288 -6.04 -16.86 -11.10
CA MET A 288 -5.27 -17.81 -10.30
C MET A 288 -6.22 -18.76 -9.59
N ALA A 289 -5.75 -19.98 -9.34
CA ALA A 289 -6.55 -20.98 -8.63
C ALA A 289 -6.69 -20.59 -7.17
N GLN A 290 -7.71 -21.14 -6.51
CA GLN A 290 -7.95 -20.88 -5.09
C GLN A 290 -6.69 -21.23 -4.29
N PRO A 291 -6.28 -20.34 -3.36
CA PRO A 291 -5.10 -20.51 -2.50
C PRO A 291 -5.37 -21.62 -1.50
N ALA A 292 -4.31 -22.32 -1.09
CA ALA A 292 -4.44 -23.44 -0.16
C ALA A 292 -5.21 -23.12 1.11
N PHE A 293 -5.04 -21.91 1.66
CA PHE A 293 -5.73 -21.59 2.90
C PHE A 293 -6.94 -20.69 2.83
N ALA A 294 -7.41 -20.42 1.62
CA ALA A 294 -8.56 -19.57 1.45
C ALA A 294 -9.87 -20.34 1.47
N PRO A 295 -10.82 -19.92 2.32
CA PRO A 295 -12.09 -20.63 2.34
C PRO A 295 -12.75 -20.24 1.03
N LYS A 296 -13.64 -21.08 0.50
CA LYS A 296 -14.31 -20.81 -0.76
C LYS A 296 -14.90 -19.38 -0.84
N ASN A 297 -15.48 -18.91 0.26
CA ASN A 297 -16.07 -17.58 0.28
C ASN A 297 -15.06 -16.46 0.10
N ILE A 298 -13.86 -16.68 0.62
CA ILE A 298 -12.80 -15.69 0.49
C ILE A 298 -12.32 -15.71 -0.96
N TYR A 299 -12.24 -16.91 -1.54
CA TYR A 299 -11.81 -17.01 -2.94
C TYR A 299 -12.87 -16.33 -3.81
N SER A 300 -14.12 -16.38 -3.38
CA SER A 300 -15.19 -15.73 -4.13
C SER A 300 -14.96 -14.23 -4.20
N ILE A 301 -14.33 -13.67 -3.17
CA ILE A 301 -14.05 -12.23 -3.15
C ILE A 301 -12.98 -11.93 -4.19
N MET A 302 -11.96 -12.79 -4.25
CA MET A 302 -10.88 -12.63 -5.22
C MET A 302 -11.43 -12.60 -6.64
N GLN A 303 -12.32 -13.55 -6.93
CA GLN A 303 -12.93 -13.65 -8.25
C GLN A 303 -13.72 -12.40 -8.59
N ALA A 304 -14.43 -11.87 -7.60
CA ALA A 304 -15.22 -10.65 -7.79
C ALA A 304 -14.30 -9.49 -8.11
N CYS A 305 -13.19 -9.40 -7.38
CA CYS A 305 -12.21 -8.33 -7.59
C CYS A 305 -11.58 -8.44 -8.98
N TRP A 306 -11.52 -9.65 -9.50
CA TRP A 306 -10.92 -9.89 -10.81
C TRP A 306 -11.89 -9.88 -11.99
N ALA A 307 -13.08 -9.33 -11.79
CA ALA A 307 -14.04 -9.24 -12.89
C ALA A 307 -13.39 -8.33 -13.92
N LEU A 308 -13.43 -8.72 -15.19
CA LEU A 308 -12.81 -7.92 -16.24
C LEU A 308 -13.45 -6.54 -16.36
N GLU A 309 -14.78 -6.49 -16.20
CA GLU A 309 -15.51 -5.24 -16.28
C GLU A 309 -15.38 -4.54 -14.91
N PRO A 310 -14.66 -3.40 -14.87
CA PRO A 310 -14.46 -2.63 -13.64
C PRO A 310 -15.71 -2.34 -12.80
N THR A 311 -16.84 -2.12 -13.45
CA THR A 311 -18.08 -1.84 -12.74
C THR A 311 -18.73 -3.09 -12.17
N HIS A 312 -18.18 -4.25 -12.51
CA HIS A 312 -18.72 -5.50 -12.01
C HIS A 312 -17.95 -5.96 -10.77
N ARG A 313 -16.92 -5.19 -10.41
CA ARG A 313 -16.12 -5.48 -9.23
C ARG A 313 -16.80 -4.84 -8.04
N PRO A 314 -16.67 -5.45 -6.86
CA PRO A 314 -17.32 -4.85 -5.69
C PRO A 314 -16.56 -3.59 -5.26
N THR A 315 -17.15 -2.83 -4.34
CA THR A 315 -16.49 -1.64 -3.83
C THR A 315 -15.78 -2.11 -2.57
N PHE A 316 -14.85 -1.31 -2.05
CA PHE A 316 -14.15 -1.72 -0.84
C PHE A 316 -15.12 -1.77 0.35
N GLN A 317 -16.11 -0.89 0.33
CA GLN A 317 -17.09 -0.88 1.41
C GLN A 317 -17.88 -2.20 1.43
N GLN A 318 -18.22 -2.71 0.24
CA GLN A 318 -18.94 -3.96 0.14
C GLN A 318 -18.05 -5.12 0.58
N ILE A 319 -16.75 -5.03 0.27
CA ILE A 319 -15.82 -6.07 0.66
C ILE A 319 -15.73 -6.13 2.19
N CYS A 320 -15.62 -4.97 2.82
CA CYS A 320 -15.55 -4.88 4.28
C CYS A 320 -16.73 -5.57 4.95
N SER A 321 -17.93 -5.22 4.49
CA SER A 321 -19.16 -5.77 5.04
C SER A 321 -19.20 -7.29 4.92
N PHE A 322 -18.80 -7.81 3.77
CA PHE A 322 -18.80 -9.24 3.53
C PHE A 322 -17.80 -9.91 4.46
N LEU A 323 -16.64 -9.31 4.63
CA LEU A 323 -15.63 -9.84 5.52
C LEU A 323 -16.11 -9.71 6.96
N GLN A 324 -16.84 -8.64 7.23
CA GLN A 324 -17.36 -8.38 8.56
C GLN A 324 -18.32 -9.52 8.91
N GLU A 325 -19.17 -9.89 7.95
CA GLU A 325 -20.11 -10.98 8.14
C GLU A 325 -19.33 -12.28 8.22
N GLN A 326 -18.02 -12.16 8.05
CA GLN A 326 -17.09 -13.28 8.08
C GLN A 326 -17.07 -13.98 6.73
N ALA A 327 -18.25 -14.38 6.26
CA ALA A 327 -18.37 -15.08 4.98
C ALA A 327 -17.74 -16.46 5.06
N GLN A 328 -16.58 -16.55 5.69
CA GLN A 328 -15.86 -17.81 5.86
C GLN A 328 -14.57 -17.64 6.66
N GLU A 329 -14.21 -18.66 7.43
CA GLU A 329 -13.00 -18.63 8.24
C GLU A 329 -12.08 -19.79 7.88
C1 5CN B . 10.06 -1.20 6.43
C2 5CN B . 10.81 -2.40 6.70
C3 5CN B . 10.94 -2.91 8.02
C7 5CN B . 8.37 -0.16 3.17
C8 5CN B . 8.55 -0.96 4.47
C9 5CN B . 11.13 -0.48 4.28
C10 5CN B . 10.82 0.27 2.96
C11 5CN B . 9.58 -0.29 2.25
C12 5CN B . 9.32 0.49 0.95
C13 5CN B . 10.46 -2.81 10.51
C14 5CN B . 7.96 1.52 8.05
C15 5CN B . 7.55 2.72 7.32
C16 5CN B . 6.75 3.79 7.67
C19 5CN B . 7.82 4.46 4.25
C4 5CN B . 10.33 -2.26 9.12
C5 5CN B . 9.57 -1.07 8.88
C6 5CN B . 9.43 -0.53 7.55
N1 5CN B . 9.91 -0.79 5.08
O1 5CN B . 11.77 -2.49 10.98
N2 5CN B . 8.76 0.70 7.28
O2 5CN B . 7.62 1.33 9.22
C17 5CN B . 6.71 4.66 6.55
C18 5CN B . 7.49 4.07 5.57
O3 5CN B . 8.00 2.89 6.02
N3 5CN B . 8.08 4.76 3.17
#